data_7LP0
#
_entry.id   7LP0
#
_cell.length_a   27.210
_cell.length_b   38.570
_cell.length_c   57.630
_cell.angle_alpha   97.140
_cell.angle_beta   103.580
_cell.angle_gamma   94.250
#
_symmetry.space_group_name_H-M   'P 1'
#
loop_
_entity.id
_entity.type
_entity.pdbx_description
1 polymer 'Nucleosome-remodeling factor subunit BPTF'
2 non-polymer 4-chlorol-2-methyl-5-[[(3~{R})-1-methylpiperidin-3-yl]amino]pyridazin-3-one
3 non-polymer 'DIMETHYL SULFOXIDE'
4 non-polymer 1,2-ETHANEDIOL
5 water water
#
_entity_poly.entity_id   1
_entity_poly.type   'polypeptide(L)'
_entity_poly.pdbx_seq_one_letter_code
;SMSTEDAMTVLTPLTEKDYEGLKRVLRSLQAHKMAWPFLEPVDPNDAPDYYGVIKEPMDLATMEERVQRRYYEKLTEFVA
DMTKIFDNCRYYNPSDSPFYQCAEVLESFFVQKLKGFKASRSH
;
_entity_poly.pdbx_strand_id   A,B
#
# COMPACT_ATOMS: atom_id res chain seq x y z
N LEU A 11 -12.01 7.71 22.26
CA LEU A 11 -13.43 8.02 22.18
C LEU A 11 -14.22 6.86 21.55
N THR A 12 -14.05 6.63 20.25
CA THR A 12 -14.81 5.69 19.45
C THR A 12 -13.91 5.07 18.39
N PRO A 13 -14.11 3.80 18.05
CA PRO A 13 -13.19 3.14 17.11
C PRO A 13 -13.35 3.64 15.68
N LEU A 14 -12.28 3.48 14.91
CA LEU A 14 -12.27 3.90 13.51
C LEU A 14 -13.21 3.06 12.66
N THR A 15 -13.97 3.72 11.80
CA THR A 15 -14.89 3.07 10.87
C THR A 15 -14.28 3.01 9.47
N GLU A 16 -14.98 2.35 8.56
CA GLU A 16 -14.53 2.32 7.18
C GLU A 16 -14.48 3.74 6.60
N LYS A 17 -15.46 4.58 6.97
CA LYS A 17 -15.44 5.96 6.50
C LYS A 17 -14.31 6.75 7.13
N ASP A 18 -13.98 6.47 8.39
CA ASP A 18 -12.80 7.08 9.00
C ASP A 18 -11.55 6.74 8.20
N TYR A 19 -11.45 5.49 7.74
CA TYR A 19 -10.26 5.07 7.03
C TYR A 19 -10.07 5.81 5.71
N GLU A 20 -11.17 6.15 5.03
CA GLU A 20 -11.05 6.99 3.85
C GLU A 20 -10.44 8.34 4.20
N GLY A 21 -10.84 8.91 5.36
CA GLY A 21 -10.24 10.16 5.78
C GLY A 21 -8.78 10.03 6.16
N LEU A 22 -8.42 8.94 6.83
CA LEU A 22 -7.01 8.68 7.14
C LEU A 22 -6.18 8.59 5.87
N LYS A 23 -6.70 7.93 4.83
CA LYS A 23 -5.98 7.82 3.57
C LYS A 23 -5.76 9.19 2.96
N ARG A 24 -6.78 10.04 3.01
CA ARG A 24 -6.66 11.39 2.48
C ARG A 24 -5.59 12.17 3.23
N VAL A 25 -5.59 12.08 4.56
CA VAL A 25 -4.58 12.77 5.36
C VAL A 25 -3.19 12.25 5.03
N LEU A 26 -3.02 10.93 5.00
CA LEU A 26 -1.70 10.37 4.72
C LEU A 26 -1.21 10.80 3.33
N ARG A 27 -2.09 10.74 2.33
N ARG A 27 -2.09 10.74 2.33
CA ARG A 27 -1.68 11.14 0.99
CA ARG A 27 -1.67 11.15 0.99
C ARG A 27 -1.30 12.62 0.95
C ARG A 27 -1.32 12.63 0.92
N SER A 28 -1.98 13.46 1.73
CA SER A 28 -1.63 14.88 1.79
C SER A 28 -0.25 15.07 2.38
N LEU A 29 0.07 14.34 3.45
CA LEU A 29 1.41 14.41 4.00
C LEU A 29 2.44 13.97 2.97
N GLN A 30 2.17 12.88 2.25
CA GLN A 30 3.15 12.34 1.31
C GLN A 30 3.41 13.29 0.16
N ALA A 31 2.44 14.12 -0.20
CA ALA A 31 2.61 15.09 -1.29
C ALA A 31 3.23 16.40 -0.84
N HIS A 32 3.41 16.61 0.45
CA HIS A 32 3.96 17.87 0.93
C HIS A 32 5.43 17.98 0.56
N LYS A 33 5.84 19.18 0.19
CA LYS A 33 7.20 19.42 -0.26
C LYS A 33 8.21 19.10 0.83
N MET A 34 7.83 19.29 2.09
CA MET A 34 8.76 19.06 3.20
C MET A 34 8.64 17.65 3.76
N ALA A 35 7.86 16.78 3.13
CA ALA A 35 7.79 15.40 3.59
C ALA A 35 8.93 14.52 3.08
N TRP A 36 9.81 15.04 2.23
CA TRP A 36 10.82 14.20 1.61
C TRP A 36 11.69 13.42 2.60
N PRO A 37 12.03 13.92 3.80
CA PRO A 37 12.86 13.10 4.70
C PRO A 37 12.14 11.92 5.31
N PHE A 38 10.80 11.87 5.20
CA PHE A 38 9.98 10.95 5.99
C PHE A 38 9.19 9.98 5.14
N LEU A 39 9.41 9.97 3.83
CA LEU A 39 8.61 9.13 2.95
C LEU A 39 8.95 7.66 3.12
N GLU A 40 10.22 7.33 3.37
CA GLU A 40 10.73 5.98 3.47
C GLU A 40 11.58 5.88 4.73
N PRO A 41 11.82 4.66 5.23
CA PRO A 41 12.63 4.52 6.44
C PRO A 41 14.01 5.14 6.27
N VAL A 42 14.52 5.71 7.38
CA VAL A 42 15.90 6.19 7.41
C VAL A 42 16.85 5.08 6.95
N ASP A 43 17.70 5.43 6.00
CA ASP A 43 18.73 4.52 5.51
C ASP A 43 19.93 4.57 6.45
N PRO A 44 20.42 3.41 6.90
CA PRO A 44 21.60 3.42 7.78
C PRO A 44 22.77 4.24 7.23
N ASN A 45 22.87 4.40 5.90
CA ASN A 45 23.91 5.26 5.34
C ASN A 45 23.65 6.73 5.64
N ASP A 46 22.38 7.14 5.75
CA ASP A 46 22.09 8.54 6.06
C ASP A 46 22.64 8.93 7.43
N ALA A 47 22.71 7.97 8.35
CA ALA A 47 23.07 8.21 9.74
C ALA A 47 23.46 6.88 10.39
N PRO A 48 24.75 6.56 10.44
CA PRO A 48 25.15 5.19 10.78
C PRO A 48 24.68 4.71 12.15
N ASP A 49 24.57 5.60 13.13
CA ASP A 49 24.14 5.21 14.48
C ASP A 49 22.64 5.38 14.71
N TYR A 50 21.86 5.63 13.65
CA TYR A 50 20.46 6.00 13.84
C TYR A 50 19.69 4.91 14.58
N TYR A 51 19.84 3.67 14.13
CA TYR A 51 19.04 2.57 14.66
C TYR A 51 19.54 2.07 16.01
N GLY A 52 20.68 2.56 16.47
CA GLY A 52 21.11 2.32 17.83
C GLY A 52 20.63 3.41 18.76
N VAL A 53 20.26 4.55 18.20
CA VAL A 53 19.78 5.69 18.98
C VAL A 53 18.26 5.72 19.07
N ILE A 54 17.58 5.42 17.96
CA ILE A 54 16.13 5.52 17.85
C ILE A 54 15.57 4.12 17.98
N LYS A 55 14.82 3.86 19.05
CA LYS A 55 14.40 2.50 19.32
C LYS A 55 13.15 2.12 18.54
N GLU A 56 12.31 3.09 18.16
CA GLU A 56 11.09 2.81 17.41
C GLU A 56 11.04 3.72 16.19
N PRO A 57 11.79 3.39 15.14
CA PRO A 57 11.75 4.18 13.90
C PRO A 57 10.35 4.16 13.32
N MET A 58 10.02 5.22 12.59
CA MET A 58 8.74 5.27 11.91
C MET A 58 8.90 6.13 10.66
N ASP A 59 8.07 5.85 9.65
CA ASP A 59 8.07 6.62 8.42
C ASP A 59 6.71 6.50 7.77
N LEU A 60 6.47 7.33 6.74
CA LEU A 60 5.15 7.40 6.12
C LEU A 60 4.83 6.16 5.28
N ALA A 61 5.83 5.50 4.71
CA ALA A 61 5.56 4.27 3.98
C ALA A 61 5.09 3.17 4.93
N THR A 62 5.67 3.13 6.13
CA THR A 62 5.24 2.16 7.12
C THR A 62 3.81 2.43 7.56
N MET A 63 3.46 3.71 7.73
CA MET A 63 2.09 4.06 8.07
C MET A 63 1.13 3.73 6.94
N GLU A 64 1.58 3.89 5.69
CA GLU A 64 0.71 3.58 4.56
C GLU A 64 0.38 2.10 4.53
N GLU A 65 1.39 1.25 4.74
CA GLU A 65 1.16 -0.19 4.84
C GLU A 65 0.20 -0.50 5.98
N ARG A 66 0.38 0.17 7.12
CA ARG A 66 -0.52 -0.07 8.24
C ARG A 66 -1.95 0.38 7.93
N VAL A 67 -2.12 1.51 7.23
CA VAL A 67 -3.49 1.92 6.88
C VAL A 67 -4.11 0.91 5.93
N GLN A 68 -3.34 0.47 4.92
CA GLN A 68 -3.87 -0.49 3.94
C GLN A 68 -4.27 -1.81 4.57
N ARG A 69 -3.57 -2.22 5.64
CA ARG A 69 -3.88 -3.47 6.34
C ARG A 69 -4.89 -3.27 7.45
N ARG A 70 -5.42 -2.06 7.61
CA ARG A 70 -6.36 -1.72 8.69
C ARG A 70 -5.76 -2.01 10.06
N TYR A 71 -4.49 -1.67 10.21
CA TYR A 71 -3.79 -1.89 11.48
C TYR A 71 -4.42 -1.08 12.62
N TYR A 72 -4.82 0.15 12.34
CA TYR A 72 -5.27 1.07 13.39
C TYR A 72 -6.72 0.81 13.77
N GLU A 73 -6.97 0.68 15.07
CA GLU A 73 -8.33 0.57 15.59
C GLU A 73 -8.86 1.88 16.18
N LYS A 74 -7.97 2.75 16.65
CA LYS A 74 -8.35 4.03 17.23
C LYS A 74 -7.52 5.13 16.57
N LEU A 75 -8.12 6.32 16.48
CA LEU A 75 -7.41 7.47 15.92
C LEU A 75 -6.15 7.79 16.70
N THR A 76 -6.19 7.63 18.04
CA THR A 76 -4.99 7.91 18.82
C THR A 76 -3.80 7.06 18.39
N GLU A 77 -4.04 5.83 17.90
CA GLU A 77 -2.93 4.99 17.46
C GLU A 77 -2.29 5.52 16.18
N PHE A 78 -3.12 6.04 15.28
CA PHE A 78 -2.60 6.66 14.05
C PHE A 78 -1.81 7.91 14.38
N VAL A 79 -2.35 8.75 15.26
CA VAL A 79 -1.67 9.97 15.69
C VAL A 79 -0.34 9.64 16.38
N ALA A 80 -0.33 8.59 17.21
CA ALA A 80 0.91 8.22 17.90
C ALA A 80 2.01 7.84 16.92
N ASP A 81 1.68 7.08 15.88
CA ASP A 81 2.68 6.73 14.87
C ASP A 81 3.20 7.96 14.14
N MET A 82 2.30 8.87 13.75
CA MET A 82 2.72 10.10 13.09
C MET A 82 3.61 10.93 14.00
N THR A 83 3.24 11.02 15.27
CA THR A 83 4.06 11.78 16.22
C THR A 83 5.43 11.16 16.42
N LYS A 84 5.55 9.83 16.34
CA LYS A 84 6.87 9.19 16.44
C LYS A 84 7.80 9.67 15.35
N ILE A 85 7.30 9.80 14.12
CA ILE A 85 8.11 10.29 13.01
C ILE A 85 8.81 11.60 13.39
N PHE A 86 8.04 12.53 13.93
CA PHE A 86 8.57 13.87 14.23
C PHE A 86 9.38 13.87 15.52
N ASP A 87 8.90 13.13 16.54
CA ASP A 87 9.67 13.02 17.79
C ASP A 87 11.03 12.38 17.56
N ASN A 88 11.09 11.30 16.76
CA ASN A 88 12.37 10.69 16.43
C ASN A 88 13.29 11.69 15.78
N CYS A 89 12.75 12.46 14.83
CA CYS A 89 13.57 13.38 14.06
C CYS A 89 14.14 14.48 14.95
N ARG A 90 13.32 15.02 15.85
CA ARG A 90 13.82 16.12 16.70
C ARG A 90 14.77 15.62 17.78
N TYR A 91 14.64 14.36 18.19
CA TYR A 91 15.55 13.79 19.18
C TYR A 91 16.91 13.49 18.58
N TYR A 92 16.93 12.94 17.37
CA TYR A 92 18.19 12.57 16.75
C TYR A 92 18.94 13.78 16.22
N ASN A 93 18.22 14.75 15.66
CA ASN A 93 18.87 15.82 14.92
C ASN A 93 18.90 17.10 15.76
N PRO A 94 19.94 17.92 15.58
CA PRO A 94 19.94 19.24 16.22
C PRO A 94 18.95 20.16 15.53
N SER A 95 18.60 21.24 16.24
CA SER A 95 17.51 22.10 15.76
C SER A 95 17.87 22.84 14.48
N ASP A 96 19.15 22.89 14.12
CA ASP A 96 19.58 23.56 12.90
C ASP A 96 19.61 22.62 11.69
N SER A 97 19.36 21.33 11.90
CA SER A 97 19.39 20.36 10.82
C SER A 97 18.21 20.58 9.86
N PRO A 98 18.42 20.41 8.54
CA PRO A 98 17.27 20.46 7.62
C PRO A 98 16.18 19.46 7.93
N PHE A 99 16.53 18.26 8.43
CA PHE A 99 15.50 17.29 8.81
C PHE A 99 14.63 17.85 9.93
N TYR A 100 15.26 18.44 10.94
CA TYR A 100 14.52 19.04 12.05
C TYR A 100 13.58 20.14 11.56
N GLN A 101 14.07 20.98 10.65
CA GLN A 101 13.21 22.03 10.11
C GLN A 101 12.04 21.43 9.34
N CYS A 102 12.28 20.36 8.57
CA CYS A 102 11.18 19.70 7.87
C CYS A 102 10.17 19.13 8.86
N ALA A 103 10.66 18.55 9.96
CA ALA A 103 9.76 17.98 10.96
C ALA A 103 8.85 19.06 11.55
N GLU A 104 9.38 20.26 11.81
CA GLU A 104 8.56 21.33 12.35
C GLU A 104 7.47 21.74 11.37
N VAL A 105 7.82 21.90 10.10
CA VAL A 105 6.84 22.31 9.10
C VAL A 105 5.76 21.24 8.95
N LEU A 106 6.18 19.99 8.79
CA LEU A 106 5.23 18.94 8.47
C LEU A 106 4.34 18.62 9.66
N GLU A 107 4.88 18.68 10.89
CA GLU A 107 4.03 18.45 12.04
C GLU A 107 2.91 19.49 12.14
N SER A 108 3.22 20.76 11.88
CA SER A 108 2.16 21.74 11.94
C SER A 108 1.15 21.53 10.83
N PHE A 109 1.59 20.98 9.68
CA PHE A 109 0.67 20.68 8.60
C PHE A 109 -0.22 19.52 8.97
N PHE A 110 0.37 18.51 9.61
CA PHE A 110 -0.40 17.36 10.09
C PHE A 110 -1.45 17.78 11.10
N VAL A 111 -1.10 18.68 12.02
CA VAL A 111 -2.10 19.16 12.96
C VAL A 111 -3.26 19.82 12.23
N GLN A 112 -2.94 20.65 11.22
CA GLN A 112 -4.00 21.30 10.46
C GLN A 112 -4.90 20.28 9.78
N LYS A 113 -4.31 19.25 9.18
CA LYS A 113 -5.10 18.21 8.52
C LYS A 113 -5.83 17.35 9.54
N LEU A 114 -5.20 17.11 10.70
CA LEU A 114 -5.85 16.31 11.74
C LEU A 114 -7.10 16.99 12.26
N LYS A 115 -7.02 18.32 12.49
CA LYS A 115 -8.20 19.06 12.93
C LYS A 115 -9.32 18.93 11.89
N GLY A 116 -8.98 19.01 10.62
CA GLY A 116 -10.01 18.86 9.59
C GLY A 116 -10.63 17.48 9.59
N PHE A 117 -9.81 16.44 9.78
CA PHE A 117 -10.31 15.07 9.85
C PHE A 117 -11.29 14.91 11.02
N LYS A 118 -10.91 15.42 12.20
CA LYS A 118 -11.79 15.27 13.35
C LYS A 118 -13.09 16.03 13.16
N ALA A 119 -13.03 17.18 12.50
CA ALA A 119 -14.24 17.96 12.25
C ALA A 119 -15.21 17.21 11.34
N SER A 120 -14.68 16.50 10.35
CA SER A 120 -15.53 15.78 9.41
C SER A 120 -16.12 14.49 9.98
N ARG A 121 -15.64 14.00 11.11
CA ARG A 121 -16.15 12.74 11.68
C ARG A 121 -17.58 12.87 12.18
N ALA B 7 2.67 1.11 -22.22
CA ALA B 7 3.44 1.69 -23.31
C ALA B 7 4.85 1.09 -23.34
N MET B 8 5.86 1.95 -23.31
CA MET B 8 7.23 1.48 -23.09
C MET B 8 7.52 1.25 -21.62
N THR B 9 6.68 1.80 -20.73
CA THR B 9 6.91 1.67 -19.29
C THR B 9 6.74 0.23 -18.82
N VAL B 10 5.86 -0.54 -19.49
CA VAL B 10 5.67 -1.92 -19.07
C VAL B 10 6.92 -2.77 -19.33
N LEU B 11 7.84 -2.29 -20.18
CA LEU B 11 9.02 -3.05 -20.56
C LEU B 11 10.29 -2.63 -19.82
N THR B 12 10.30 -1.50 -19.13
CA THR B 12 11.51 -1.06 -18.45
C THR B 12 11.77 -1.91 -17.22
N PRO B 13 13.03 -2.23 -16.91
CA PRO B 13 13.30 -3.07 -15.75
C PRO B 13 12.80 -2.44 -14.46
N LEU B 14 12.30 -3.29 -13.55
CA LEU B 14 11.76 -2.81 -12.29
C LEU B 14 12.92 -2.49 -11.33
N THR B 15 12.85 -1.32 -10.70
CA THR B 15 13.83 -0.89 -9.73
C THR B 15 13.31 -1.16 -8.33
N GLU B 16 14.15 -0.87 -7.33
CA GLU B 16 13.68 -0.97 -5.94
C GLU B 16 12.51 -0.03 -5.69
N LYS B 17 12.55 1.19 -6.26
CA LYS B 17 11.44 2.12 -6.09
C LYS B 17 10.17 1.60 -6.74
N ASP B 18 10.29 1.00 -7.93
CA ASP B 18 9.13 0.39 -8.56
C ASP B 18 8.50 -0.66 -7.67
N TYR B 19 9.33 -1.45 -6.98
CA TYR B 19 8.78 -2.52 -6.15
C TYR B 19 7.97 -1.97 -4.98
N GLU B 20 8.32 -0.79 -4.48
CA GLU B 20 7.49 -0.17 -3.45
C GLU B 20 6.10 0.12 -3.98
N GLY B 21 6.02 0.60 -5.24
CA GLY B 21 4.73 0.84 -5.85
C GLY B 21 3.96 -0.43 -6.11
N LEU B 22 4.64 -1.50 -6.52
CA LEU B 22 3.99 -2.80 -6.73
C LEU B 22 3.38 -3.32 -5.43
N LYS B 23 4.11 -3.22 -4.33
CA LYS B 23 3.55 -3.65 -3.05
C LYS B 23 2.33 -2.84 -2.70
N ARG B 24 2.39 -1.52 -2.91
CA ARG B 24 1.23 -0.67 -2.62
C ARG B 24 0.02 -1.08 -3.46
N VAL B 25 0.22 -1.37 -4.76
CA VAL B 25 -0.88 -1.82 -5.60
C VAL B 25 -1.43 -3.14 -5.09
N LEU B 26 -0.54 -4.08 -4.78
CA LEU B 26 -0.97 -5.39 -4.28
C LEU B 26 -1.77 -5.24 -2.99
N ARG B 27 -1.28 -4.44 -2.04
CA ARG B 27 -2.02 -4.27 -0.80
C ARG B 27 -3.38 -3.61 -1.04
N SER B 28 -3.46 -2.69 -2.01
CA SER B 28 -4.77 -2.11 -2.34
C SER B 28 -5.75 -3.16 -2.82
N LEU B 29 -5.28 -4.06 -3.69
CA LEU B 29 -6.13 -5.15 -4.17
C LEU B 29 -6.54 -6.05 -3.03
N GLN B 30 -5.58 -6.44 -2.17
CA GLN B 30 -5.89 -7.35 -1.09
C GLN B 30 -6.90 -6.77 -0.11
N ALA B 31 -6.93 -5.44 0.02
CA ALA B 31 -7.83 -4.77 0.94
C ALA B 31 -9.21 -4.51 0.33
N HIS B 32 -9.40 -4.77 -0.96
CA HIS B 32 -10.65 -4.43 -1.64
C HIS B 32 -11.76 -5.41 -1.25
N LYS B 33 -12.97 -4.86 -1.06
CA LYS B 33 -14.09 -5.68 -0.62
C LYS B 33 -14.35 -6.84 -1.57
N MET B 34 -14.12 -6.64 -2.87
CA MET B 34 -14.40 -7.64 -3.89
C MET B 34 -13.20 -8.56 -4.17
N ALA B 35 -12.13 -8.46 -3.39
CA ALA B 35 -10.98 -9.32 -3.61
C ALA B 35 -11.08 -10.65 -2.86
N TRP B 36 -12.09 -10.83 -2.02
CA TRP B 36 -12.18 -12.03 -1.21
C TRP B 36 -12.09 -13.34 -2.00
N PRO B 37 -12.61 -13.49 -3.23
CA PRO B 37 -12.45 -14.77 -3.92
C PRO B 37 -11.02 -15.06 -4.39
N PHE B 38 -10.14 -14.06 -4.38
CA PHE B 38 -8.83 -14.16 -5.02
C PHE B 38 -7.67 -14.02 -4.05
N LEU B 39 -7.92 -13.94 -2.76
CA LEU B 39 -6.82 -13.75 -1.80
C LEU B 39 -5.93 -14.98 -1.74
N GLU B 40 -6.52 -16.16 -1.85
CA GLU B 40 -5.83 -17.43 -1.65
C GLU B 40 -6.19 -18.35 -2.81
N PRO B 41 -5.39 -19.40 -3.03
CA PRO B 41 -5.67 -20.33 -4.13
C PRO B 41 -7.07 -20.93 -4.01
N VAL B 42 -7.68 -21.17 -5.17
CA VAL B 42 -8.97 -21.85 -5.22
C VAL B 42 -8.85 -23.20 -4.54
N ASP B 43 -9.74 -23.46 -3.58
CA ASP B 43 -9.78 -24.75 -2.93
C ASP B 43 -10.54 -25.74 -3.82
N PRO B 44 -9.94 -26.88 -4.16
CA PRO B 44 -10.67 -27.85 -4.99
C PRO B 44 -12.02 -28.28 -4.39
N ASN B 45 -12.18 -28.20 -3.07
CA ASN B 45 -13.49 -28.44 -2.46
C ASN B 45 -14.56 -27.55 -3.07
N ASP B 46 -14.26 -26.26 -3.23
CA ASP B 46 -15.23 -25.32 -3.75
C ASP B 46 -15.45 -25.45 -5.25
N ALA B 47 -14.64 -26.25 -5.94
CA ALA B 47 -14.75 -26.35 -7.39
C ALA B 47 -13.98 -27.57 -7.88
N PRO B 48 -14.59 -28.76 -7.88
CA PRO B 48 -13.93 -29.91 -8.49
C PRO B 48 -13.68 -29.66 -9.97
N ASP B 49 -12.63 -30.30 -10.48
CA ASP B 49 -12.13 -30.17 -11.84
C ASP B 49 -11.57 -28.79 -12.13
N TYR B 50 -11.56 -27.87 -11.17
CA TYR B 50 -10.92 -26.58 -11.39
C TYR B 50 -9.49 -26.76 -11.87
N TYR B 51 -8.73 -27.60 -11.17
CA TYR B 51 -7.33 -27.75 -11.51
C TYR B 51 -7.11 -28.66 -12.72
N GLY B 52 -8.17 -29.26 -13.26
CA GLY B 52 -8.09 -29.97 -14.52
C GLY B 52 -8.60 -29.11 -15.67
N VAL B 53 -9.22 -27.99 -15.33
CA VAL B 53 -9.75 -27.05 -16.32
C VAL B 53 -8.81 -25.87 -16.51
N ILE B 54 -8.20 -25.39 -15.43
CA ILE B 54 -7.41 -24.16 -15.42
C ILE B 54 -5.93 -24.53 -15.49
N LYS B 55 -5.25 -24.09 -16.55
CA LYS B 55 -3.87 -24.50 -16.80
C LYS B 55 -2.89 -23.81 -15.85
N GLU B 56 -3.12 -22.52 -15.56
CA GLU B 56 -2.18 -21.72 -14.78
C GLU B 56 -2.95 -21.00 -13.68
N PRO B 57 -3.28 -21.69 -12.60
CA PRO B 57 -3.97 -21.00 -11.49
C PRO B 57 -3.12 -19.87 -10.94
N MET B 58 -3.79 -18.85 -10.42
CA MET B 58 -3.09 -17.72 -9.81
C MET B 58 -3.99 -17.08 -8.77
N ASP B 59 -3.37 -16.47 -7.76
CA ASP B 59 -4.08 -15.82 -6.67
C ASP B 59 -3.20 -14.72 -6.13
N LEU B 60 -3.77 -13.88 -5.26
CA LEU B 60 -3.04 -12.72 -4.75
C LEU B 60 -1.98 -13.12 -3.73
N ALA B 61 -2.20 -14.19 -2.96
CA ALA B 61 -1.16 -14.64 -2.05
C ALA B 61 0.07 -15.12 -2.80
N THR B 62 -0.14 -15.85 -3.91
CA THR B 62 0.97 -16.26 -4.75
C THR B 62 1.71 -15.05 -5.32
N MET B 63 0.96 -14.03 -5.76
CA MET B 63 1.61 -12.81 -6.24
C MET B 63 2.36 -12.09 -5.12
N GLU B 64 1.83 -12.12 -3.90
CA GLU B 64 2.55 -11.48 -2.80
C GLU B 64 3.88 -12.16 -2.55
N GLU B 65 3.91 -13.50 -2.54
CA GLU B 65 5.17 -14.21 -2.39
C GLU B 65 6.14 -13.83 -3.50
N ARG B 66 5.63 -13.72 -4.72
CA ARG B 66 6.51 -13.38 -5.85
C ARG B 66 7.05 -11.96 -5.74
N VAL B 67 6.21 -11.01 -5.31
CA VAL B 67 6.70 -9.65 -5.08
C VAL B 67 7.79 -9.65 -3.99
N GLN B 68 7.53 -10.36 -2.90
CA GLN B 68 8.50 -10.38 -1.80
C GLN B 68 9.84 -11.00 -2.22
N ARG B 69 9.85 -11.97 -3.14
CA ARG B 69 11.08 -12.60 -3.60
C ARG B 69 11.67 -11.92 -4.83
N ARG B 70 11.11 -10.79 -5.27
CA ARG B 70 11.57 -10.04 -6.44
C ARG B 70 11.54 -10.89 -7.70
N TYR B 71 10.44 -11.65 -7.83
CA TYR B 71 10.27 -12.54 -8.99
C TYR B 71 10.18 -11.74 -10.28
N TYR B 72 9.49 -10.59 -10.25
CA TYR B 72 9.18 -9.83 -11.46
C TYR B 72 10.32 -8.90 -11.84
N GLU B 73 10.76 -9.00 -13.10
CA GLU B 73 11.77 -8.10 -13.65
C GLU B 73 11.19 -6.99 -14.51
N LYS B 74 9.99 -7.18 -15.06
CA LYS B 74 9.32 -6.16 -15.85
C LYS B 74 7.87 -6.07 -15.39
N LEU B 75 7.29 -4.88 -15.56
CA LEU B 75 5.90 -4.69 -15.18
C LEU B 75 4.98 -5.64 -15.95
N THR B 76 5.30 -5.93 -17.22
CA THR B 76 4.45 -6.82 -18.01
C THR B 76 4.25 -8.15 -17.32
N GLU B 77 5.25 -8.63 -16.59
CA GLU B 77 5.15 -9.94 -15.96
C GLU B 77 4.21 -9.90 -14.77
N PHE B 78 4.23 -8.79 -14.02
CA PHE B 78 3.30 -8.61 -12.91
C PHE B 78 1.87 -8.48 -13.44
N VAL B 79 1.68 -7.67 -14.50
CA VAL B 79 0.36 -7.54 -15.09
C VAL B 79 -0.12 -8.89 -15.62
N ALA B 80 0.80 -9.71 -16.14
CA ALA B 80 0.40 -10.99 -16.72
C ALA B 80 -0.15 -11.94 -15.65
N ASP B 81 0.51 -12.00 -14.50
CA ASP B 81 -0.01 -12.81 -13.39
C ASP B 81 -1.37 -12.28 -12.92
N MET B 82 -1.49 -10.97 -12.75
CA MET B 82 -2.79 -10.44 -12.31
C MET B 82 -3.88 -10.76 -13.32
N THR B 83 -3.55 -10.66 -14.61
CA THR B 83 -4.53 -10.95 -15.66
C THR B 83 -4.96 -12.41 -15.64
N LYS B 84 -4.06 -13.32 -15.27
CA LYS B 84 -4.43 -14.73 -15.12
C LYS B 84 -5.56 -14.89 -14.12
N ILE B 85 -5.47 -14.19 -12.98
CA ILE B 85 -6.49 -14.31 -11.94
C ILE B 85 -7.87 -14.02 -12.51
N PHE B 86 -7.99 -12.94 -13.27
CA PHE B 86 -9.28 -12.57 -13.83
C PHE B 86 -9.66 -13.45 -15.02
N ASP B 87 -8.70 -13.76 -15.89
CA ASP B 87 -8.99 -14.63 -17.04
C ASP B 87 -9.44 -16.01 -16.57
N ASN B 88 -8.76 -16.57 -15.55
CA ASN B 88 -9.16 -17.87 -15.05
C ASN B 88 -10.59 -17.84 -14.51
N CYS B 89 -10.90 -16.79 -13.76
CA CYS B 89 -12.23 -16.68 -13.16
C CYS B 89 -13.31 -16.58 -14.22
N ARG B 90 -13.09 -15.80 -15.26
CA ARG B 90 -14.15 -15.61 -16.26
C ARG B 90 -14.30 -16.84 -17.15
N TYR B 91 -13.21 -17.57 -17.37
CA TYR B 91 -13.28 -18.82 -18.14
C TYR B 91 -13.98 -19.92 -17.36
N TYR B 92 -13.66 -20.07 -16.08
CA TYR B 92 -14.23 -21.18 -15.32
C TYR B 92 -15.70 -20.94 -15.01
N ASN B 93 -16.07 -19.68 -14.69
CA ASN B 93 -17.36 -19.37 -14.12
C ASN B 93 -18.28 -18.77 -15.18
N PRO B 94 -19.59 -19.03 -15.08
CA PRO B 94 -20.53 -18.34 -15.97
C PRO B 94 -20.61 -16.86 -15.63
N SER B 95 -21.10 -16.07 -16.59
CA SER B 95 -21.04 -14.62 -16.43
C SER B 95 -21.97 -14.11 -15.32
N ASP B 96 -22.96 -14.91 -14.89
CA ASP B 96 -23.81 -14.52 -13.77
C ASP B 96 -23.37 -15.15 -12.44
N SER B 97 -22.18 -15.73 -12.40
CA SER B 97 -21.61 -16.17 -11.12
C SER B 97 -21.17 -14.97 -10.30
N PRO B 98 -21.31 -15.03 -8.96
CA PRO B 98 -20.74 -13.95 -8.12
C PRO B 98 -19.24 -13.82 -8.26
N PHE B 99 -18.53 -14.93 -8.53
CA PHE B 99 -17.09 -14.86 -8.75
C PHE B 99 -16.77 -14.03 -9.98
N TYR B 100 -17.52 -14.25 -11.07
CA TYR B 100 -17.33 -13.51 -12.30
C TYR B 100 -17.53 -12.02 -12.09
N GLN B 101 -18.58 -11.63 -11.34
CA GLN B 101 -18.81 -10.22 -11.05
C GLN B 101 -17.64 -9.63 -10.25
N CYS B 102 -17.18 -10.36 -9.22
CA CYS B 102 -16.03 -9.89 -8.45
C CYS B 102 -14.81 -9.69 -9.35
N ALA B 103 -14.60 -10.60 -10.29
CA ALA B 103 -13.48 -10.46 -11.24
C ALA B 103 -13.62 -9.19 -12.05
N GLU B 104 -14.83 -8.89 -12.52
CA GLU B 104 -15.02 -7.68 -13.34
C GLU B 104 -14.76 -6.42 -12.52
N VAL B 105 -15.27 -6.35 -11.30
CA VAL B 105 -15.05 -5.18 -10.47
C VAL B 105 -13.57 -5.05 -10.13
N LEU B 106 -12.95 -6.13 -9.66
CA LEU B 106 -11.56 -6.04 -9.23
C LEU B 106 -10.63 -5.76 -10.39
N GLU B 107 -10.95 -6.23 -11.60
CA GLU B 107 -10.05 -5.94 -12.70
C GLU B 107 -10.08 -4.45 -13.05
N SER B 108 -11.28 -3.85 -13.08
CA SER B 108 -11.32 -2.43 -13.39
C SER B 108 -10.60 -1.61 -12.32
N PHE B 109 -10.69 -2.03 -11.04
CA PHE B 109 -9.96 -1.36 -9.97
C PHE B 109 -8.45 -1.51 -10.15
N PHE B 110 -8.00 -2.71 -10.52
CA PHE B 110 -6.58 -2.93 -10.81
C PHE B 110 -6.12 -2.04 -11.95
N VAL B 111 -6.94 -1.89 -12.99
CA VAL B 111 -6.55 -1.02 -14.10
C VAL B 111 -6.41 0.42 -13.62
N GLN B 112 -7.32 0.86 -12.76
CA GLN B 112 -7.21 2.23 -12.24
C GLN B 112 -5.92 2.39 -11.44
N LYS B 113 -5.59 1.41 -10.61
CA LYS B 113 -4.38 1.51 -9.81
C LYS B 113 -3.13 1.40 -10.67
N LEU B 114 -3.18 0.52 -11.69
CA LEU B 114 -2.03 0.32 -12.56
C LEU B 114 -1.68 1.61 -13.30
N LYS B 115 -2.70 2.35 -13.75
CA LYS B 115 -2.45 3.62 -14.42
C LYS B 115 -1.78 4.61 -13.47
N GLY B 116 -2.20 4.64 -12.21
CA GLY B 116 -1.52 5.49 -11.24
C GLY B 116 -0.07 5.09 -11.04
N PHE B 117 0.19 3.79 -10.90
CA PHE B 117 1.57 3.30 -10.75
C PHE B 117 2.43 3.72 -11.93
N LYS B 118 1.91 3.55 -13.15
CA LYS B 118 2.68 3.89 -14.35
C LYS B 118 2.92 5.39 -14.46
N ALA B 119 1.96 6.20 -14.01
CA ALA B 119 2.13 7.65 -14.04
C ALA B 119 3.16 8.12 -13.03
N SER B 120 3.35 7.38 -11.94
CA SER B 120 4.32 7.77 -10.93
C SER B 120 5.75 7.37 -11.29
N ARG B 121 5.93 6.57 -12.34
CA ARG B 121 7.26 6.20 -12.81
C ARG B 121 7.48 6.65 -14.25
#